data_3L5U
#
_entry.id   3L5U
#
_cell.length_a   67.644
_cell.length_b   67.800
_cell.length_c   88.492
_cell.angle_alpha   90.000
_cell.angle_beta   90.000
_cell.angle_gamma   90.000
#
_symmetry.space_group_name_H-M   'P 21 21 21'
#
loop_
_entity.id
_entity.type
_entity.pdbx_description
1 polymer 'Macrophage migration inhibitory factor'
2 non-polymer 6-HYDROXY-1,3-BENZOTHIAZOLE-2-SULFONAMIDE
3 non-polymer 'SULFATE ION'
4 water water
#
_entity_poly.entity_id   1
_entity_poly.type   'polypeptide(L)'
_entity_poly.pdbx_seq_one_letter_code
;PMFIVNTNVPRASVPDGFLSELTQQLAQATGKPPQYIAVHVVPDQLMAFGGSSEPCALCSLHSIGKIGGAQNRSYSKLLC
GLLAERLRISPDRVYINYYDMNAANVGWNNSTFALEHHHHHH
;
_entity_poly.pdbx_strand_id   A,B,C
#
loop_
_chem_comp.id
_chem_comp.type
_chem_comp.name
_chem_comp.formula
SO4 non-polymer 'SULFATE ION' 'O4 S -2'
ZEC non-polymer 6-HYDROXY-1,3-BENZOTHIAZOLE-2-SULFONAMIDE 'C7 H6 N2 O3 S2'
#
# COMPACT_ATOMS: atom_id res chain seq x y z
N PRO A 1 -12.84 9.46 1.26
CA PRO A 1 -11.89 8.36 1.48
C PRO A 1 -10.73 8.42 0.49
N MET A 2 -9.72 7.60 0.73
CA MET A 2 -8.67 7.34 -0.23
C MET A 2 -8.87 5.94 -0.80
N PHE A 3 -8.95 5.84 -2.13
CA PHE A 3 -9.14 4.55 -2.78
C PHE A 3 -8.01 4.26 -3.77
N ILE A 4 -7.38 3.09 -3.63
CA ILE A 4 -6.28 2.71 -4.51
C ILE A 4 -6.66 1.41 -5.21
N VAL A 5 -6.47 1.36 -6.52
CA VAL A 5 -6.63 0.13 -7.28
C VAL A 5 -5.35 -0.26 -8.01
N ASN A 6 -4.85 -1.45 -7.71
CA ASN A 6 -3.71 -2.03 -8.42
C ASN A 6 -4.23 -3.16 -9.29
N THR A 7 -3.82 -3.19 -10.56
CA THR A 7 -4.37 -4.17 -11.51
C THR A 7 -3.37 -4.54 -12.61
N ASN A 8 -3.50 -5.74 -13.15
CA ASN A 8 -2.65 -6.17 -14.27
C ASN A 8 -3.25 -5.78 -15.61
N VAL A 9 -4.41 -5.14 -15.57
CA VAL A 9 -5.01 -4.58 -16.79
C VAL A 9 -4.09 -3.48 -17.32
N PRO A 10 -3.85 -3.47 -18.64
CA PRO A 10 -2.95 -2.50 -19.29
C PRO A 10 -3.47 -1.06 -19.16
N ARG A 11 -2.55 -0.11 -19.07
CA ARG A 11 -2.90 1.29 -18.98
C ARG A 11 -3.83 1.72 -20.12
N ALA A 12 -3.61 1.17 -21.30
CA ALA A 12 -4.39 1.52 -22.48
C ALA A 12 -5.86 1.17 -22.31
N SER A 13 -6.13 0.22 -21.41
CA SER A 13 -7.51 -0.25 -21.19
C SER A 13 -8.26 0.56 -20.14
N VAL A 14 -7.57 1.49 -19.48
CA VAL A 14 -8.24 2.36 -18.52
C VAL A 14 -8.90 3.51 -19.28
N PRO A 15 -10.24 3.60 -19.21
CA PRO A 15 -10.99 4.57 -20.01
C PRO A 15 -10.79 6.01 -19.54
N ASP A 16 -10.87 6.95 -20.49
CA ASP A 16 -10.90 8.36 -20.15
C ASP A 16 -12.08 8.59 -19.22
N GLY A 17 -11.83 9.26 -18.10
CA GLY A 17 -12.89 9.60 -17.18
C GLY A 17 -12.97 8.68 -15.98
N PHE A 18 -12.09 7.68 -15.93
CA PHE A 18 -12.17 6.66 -14.88
C PHE A 18 -11.92 7.24 -13.49
N LEU A 19 -10.86 8.02 -13.34
CA LEU A 19 -10.56 8.63 -12.03
C LEU A 19 -11.70 9.55 -11.59
N SER A 20 -12.25 10.30 -12.54
CA SER A 20 -13.34 11.22 -12.22
C SER A 20 -14.61 10.48 -11.80
N GLU A 21 -14.88 9.34 -12.44
CA GLU A 21 -16.05 8.56 -12.10
C GLU A 21 -15.88 7.96 -10.71
N LEU A 22 -14.69 7.43 -10.43
CA LEU A 22 -14.41 6.89 -9.10
C LEU A 22 -14.60 7.97 -8.04
N THR A 23 -14.08 9.17 -8.31
CA THR A 23 -14.20 10.28 -7.38
C THR A 23 -15.67 10.58 -7.09
N GLN A 24 -16.47 10.74 -8.15
CA GLN A 24 -17.87 11.08 -7.98
C GLN A 24 -18.66 9.99 -7.26
N GLN A 25 -18.45 8.74 -7.67
CA GLN A 25 -19.20 7.63 -7.07
C GLN A 25 -18.82 7.40 -5.61
N LEU A 26 -17.56 7.63 -5.27
CA LEU A 26 -17.13 7.51 -3.88
C LEU A 26 -17.72 8.63 -3.03
N ALA A 27 -17.80 9.83 -3.58
CA ALA A 27 -18.42 10.94 -2.86
C ALA A 27 -19.88 10.61 -2.58
N GLN A 28 -20.57 10.13 -3.60
CA GLN A 28 -21.99 9.77 -3.48
C GLN A 28 -22.18 8.64 -2.48
N ALA A 29 -21.33 7.62 -2.56
CA ALA A 29 -21.47 6.44 -1.72
C ALA A 29 -21.24 6.74 -0.24
N THR A 30 -20.36 7.70 0.05
CA THR A 30 -20.00 8.01 1.43
C THR A 30 -20.70 9.25 1.98
N GLY A 31 -21.40 9.98 1.10
CA GLY A 31 -22.04 11.21 1.53
C GLY A 31 -21.03 12.27 1.91
N LYS A 32 -19.92 12.34 1.19
CA LYS A 32 -18.88 13.32 1.49
C LYS A 32 -18.56 14.18 0.28
N PRO A 33 -18.09 15.41 0.53
CA PRO A 33 -17.73 16.32 -0.55
C PRO A 33 -16.60 15.76 -1.38
N PRO A 34 -16.67 15.92 -2.70
CA PRO A 34 -15.62 15.36 -3.56
C PRO A 34 -14.22 15.94 -3.30
N GLN A 35 -14.16 17.10 -2.65
CA GLN A 35 -12.87 17.71 -2.32
C GLN A 35 -12.02 16.83 -1.41
N TYR A 36 -12.66 15.92 -0.69
CA TYR A 36 -11.97 15.02 0.24
C TYR A 36 -11.45 13.76 -0.42
N ILE A 37 -11.95 13.45 -1.61
CA ILE A 37 -11.74 12.12 -2.20
C ILE A 37 -10.42 12.06 -2.94
N ALA A 38 -9.61 11.04 -2.62
CA ALA A 38 -8.38 10.80 -3.38
C ALA A 38 -8.45 9.43 -4.04
N VAL A 39 -8.09 9.38 -5.31
CA VAL A 39 -8.09 8.13 -6.06
C VAL A 39 -6.77 7.90 -6.79
N HIS A 40 -6.39 6.63 -6.91
CA HIS A 40 -5.09 6.25 -7.44
C HIS A 40 -5.25 4.92 -8.15
N VAL A 41 -4.90 4.89 -9.43
CA VAL A 41 -5.06 3.68 -10.24
C VAL A 41 -3.70 3.27 -10.79
N VAL A 42 -3.34 2.01 -10.57
CA VAL A 42 -2.02 1.51 -10.95
C VAL A 42 -2.15 0.30 -11.88
N PRO A 43 -2.08 0.54 -13.21
CA PRO A 43 -2.21 -0.52 -14.22
C PRO A 43 -0.90 -1.26 -14.49
N ASP A 44 -0.98 -2.27 -15.35
CA ASP A 44 0.21 -2.94 -15.88
C ASP A 44 1.02 -3.66 -14.81
N GLN A 45 0.35 -4.06 -13.74
CA GLN A 45 1.04 -4.69 -12.61
C GLN A 45 1.26 -6.18 -12.82
N LEU A 46 2.35 -6.67 -12.22
CA LEU A 46 2.65 -8.10 -12.23
C LEU A 46 1.97 -8.74 -11.02
N MET A 47 0.82 -9.36 -11.26
CA MET A 47 0.08 -9.94 -10.16
C MET A 47 -0.69 -11.19 -10.58
N ALA A 48 -1.08 -11.98 -9.59
CA ALA A 48 -1.85 -13.19 -9.83
C ALA A 48 -2.92 -13.31 -8.76
N PHE A 49 -4.03 -13.92 -9.12
CA PHE A 49 -5.14 -14.14 -8.21
C PHE A 49 -5.55 -15.60 -8.38
N GLY A 50 -5.50 -16.37 -7.30
CA GLY A 50 -5.76 -17.80 -7.41
C GLY A 50 -4.73 -18.51 -8.27
N GLY A 51 -3.56 -17.90 -8.44
CA GLY A 51 -2.51 -18.52 -9.23
C GLY A 51 -2.63 -18.24 -10.71
N SER A 52 -3.62 -17.44 -11.09
CA SER A 52 -3.85 -17.08 -12.48
C SER A 52 -3.55 -15.61 -12.74
N SER A 53 -3.01 -15.32 -13.92
CA SER A 53 -2.68 -13.94 -14.28
C SER A 53 -3.75 -13.31 -15.17
N GLU A 54 -4.95 -13.89 -15.18
CA GLU A 54 -6.09 -13.25 -15.83
C GLU A 54 -6.37 -11.92 -15.12
N PRO A 55 -7.15 -11.04 -15.75
CA PRO A 55 -7.42 -9.74 -15.14
C PRO A 55 -7.89 -9.84 -13.70
N CYS A 56 -7.27 -9.05 -12.84
CA CYS A 56 -7.65 -9.00 -11.43
C CYS A 56 -7.29 -7.63 -10.86
N ALA A 57 -7.75 -7.37 -9.64
CA ALA A 57 -7.44 -6.11 -8.98
C ALA A 57 -7.28 -6.29 -7.48
N LEU A 58 -6.28 -5.62 -6.91
CA LEU A 58 -6.13 -5.58 -5.47
C LEU A 58 -6.27 -4.13 -5.04
N CYS A 59 -7.22 -3.86 -4.15
CA CYS A 59 -7.63 -2.49 -3.85
C CYS A 59 -7.60 -2.17 -2.36
N SER A 60 -7.50 -0.89 -2.05
CA SER A 60 -7.66 -0.45 -0.67
CA SER A 60 -7.62 -0.43 -0.67
C SER A 60 -8.57 0.76 -0.59
N LEU A 61 -9.38 0.80 0.46
CA LEU A 61 -10.19 1.98 0.75
C LEU A 61 -9.97 2.39 2.20
N HIS A 62 -9.47 3.60 2.42
CA HIS A 62 -9.24 4.14 3.76
C HIS A 62 -10.25 5.26 4.01
N SER A 63 -10.88 5.26 5.17
CA SER A 63 -11.78 6.35 5.53
C SER A 63 -11.79 6.54 7.03
N ILE A 64 -11.90 7.80 7.45
CA ILE A 64 -12.10 8.10 8.86
C ILE A 64 -13.59 7.95 9.13
N GLY A 65 -13.97 6.78 9.64
CA GLY A 65 -15.37 6.45 9.76
C GLY A 65 -16.01 6.02 8.46
N LYS A 66 -17.30 5.73 8.49
CA LYS A 66 -18.02 5.28 7.31
C LYS A 66 -17.54 3.92 6.85
N ILE A 67 -16.92 3.17 7.75
CA ILE A 67 -16.48 1.81 7.48
C ILE A 67 -17.20 0.87 8.41
N GLY A 68 -17.76 -0.21 7.86
CA GLY A 68 -18.52 -1.15 8.68
C GLY A 68 -19.15 -2.25 7.85
N GLY A 69 -19.83 -3.18 8.52
CA GLY A 69 -20.34 -4.35 7.83
C GLY A 69 -21.17 -4.05 6.60
N ALA A 70 -22.30 -3.38 6.78
CA ALA A 70 -23.21 -3.11 5.67
C ALA A 70 -22.61 -2.11 4.69
N GLN A 71 -21.94 -1.09 5.22
CA GLN A 71 -21.35 -0.07 4.37
C GLN A 71 -20.29 -0.67 3.46
N ASN A 72 -19.45 -1.55 4.00
CA ASN A 72 -18.38 -2.15 3.22
C ASN A 72 -18.94 -3.05 2.12
N ARG A 73 -20.00 -3.78 2.42
CA ARG A 73 -20.61 -4.62 1.39
C ARG A 73 -21.12 -3.73 0.26
N SER A 74 -21.65 -2.56 0.61
CA SER A 74 -22.16 -1.63 -0.38
C SER A 74 -21.03 -1.05 -1.22
N TYR A 75 -19.92 -0.71 -0.58
CA TYR A 75 -18.76 -0.22 -1.32
C TYR A 75 -18.25 -1.29 -2.28
N SER A 76 -18.29 -2.55 -1.83
CA SER A 76 -17.78 -3.63 -2.67
C SER A 76 -18.64 -3.82 -3.91
N LYS A 77 -19.96 -3.72 -3.74
CA LYS A 77 -20.87 -3.86 -4.88
C LYS A 77 -20.62 -2.74 -5.87
N LEU A 78 -20.42 -1.53 -5.35
CA LEU A 78 -20.22 -0.36 -6.18
C LEU A 78 -18.90 -0.46 -6.94
N LEU A 79 -17.84 -0.77 -6.21
CA LEU A 79 -16.49 -0.74 -6.78
C LEU A 79 -16.24 -1.94 -7.70
N CYS A 80 -16.71 -3.12 -7.32
CA CYS A 80 -16.61 -4.27 -8.22
C CYS A 80 -17.41 -4.01 -9.49
N GLY A 81 -18.56 -3.36 -9.35
CA GLY A 81 -19.36 -3.01 -10.51
C GLY A 81 -18.61 -2.13 -11.48
N LEU A 82 -17.89 -1.14 -10.96
CA LEU A 82 -17.14 -0.21 -11.81
C LEU A 82 -15.94 -0.88 -12.46
N LEU A 83 -15.27 -1.75 -11.71
CA LEU A 83 -14.11 -2.46 -12.23
C LEU A 83 -14.50 -3.46 -13.30
N ALA A 84 -15.69 -4.05 -13.16
CA ALA A 84 -16.19 -4.99 -14.16
C ALA A 84 -16.56 -4.23 -15.42
N GLU A 85 -17.28 -3.13 -15.24
CA GLU A 85 -17.80 -2.37 -16.37
C GLU A 85 -16.69 -1.64 -17.13
N ARG A 86 -15.78 -1.01 -16.39
CA ARG A 86 -14.79 -0.14 -17.01
C ARG A 86 -13.49 -0.87 -17.37
N LEU A 87 -13.08 -1.81 -16.53
CA LEU A 87 -11.82 -2.51 -16.73
C LEU A 87 -12.00 -3.97 -17.13
N ARG A 88 -13.26 -4.42 -17.17
CA ARG A 88 -13.60 -5.78 -17.55
C ARG A 88 -12.94 -6.80 -16.64
N ILE A 89 -12.85 -6.47 -15.34
CA ILE A 89 -12.35 -7.39 -14.35
C ILE A 89 -13.52 -8.08 -13.64
N SER A 90 -13.47 -9.40 -13.57
CA SER A 90 -14.52 -10.17 -12.90
C SER A 90 -14.51 -9.89 -11.40
N PRO A 91 -15.71 -9.65 -10.83
CA PRO A 91 -15.81 -9.33 -9.40
C PRO A 91 -15.16 -10.37 -8.49
N ASP A 92 -15.15 -11.63 -8.90
CA ASP A 92 -14.55 -12.66 -8.06
C ASP A 92 -13.02 -12.73 -8.19
N ARG A 93 -12.45 -11.79 -8.94
CA ARG A 93 -10.99 -11.63 -8.98
C ARG A 93 -10.59 -10.24 -8.47
N VAL A 94 -11.38 -9.72 -7.54
CA VAL A 94 -11.09 -8.44 -6.87
C VAL A 94 -11.04 -8.63 -5.35
N TYR A 95 -9.97 -8.16 -4.73
CA TYR A 95 -9.94 -8.01 -3.27
C TYR A 95 -9.87 -6.52 -2.95
N ILE A 96 -10.64 -6.10 -1.94
CA ILE A 96 -10.58 -4.73 -1.44
C ILE A 96 -10.32 -4.75 0.07
N ASN A 97 -9.23 -4.13 0.51
CA ASN A 97 -8.98 -3.99 1.94
C ASN A 97 -9.56 -2.68 2.46
N TYR A 98 -10.43 -2.79 3.46
CA TYR A 98 -11.05 -1.61 4.05
C TYR A 98 -10.36 -1.24 5.35
N TYR A 99 -10.06 0.04 5.52
CA TYR A 99 -9.43 0.51 6.75
C TYR A 99 -10.23 1.66 7.36
N ASP A 100 -10.61 1.51 8.63
CA ASP A 100 -11.25 2.57 9.38
C ASP A 100 -10.17 3.33 10.15
N MET A 101 -9.79 4.50 9.63
CA MET A 101 -8.66 5.24 10.19
C MET A 101 -9.12 6.17 11.31
N ASN A 102 -8.29 6.31 12.34
CA ASN A 102 -8.54 7.33 13.36
C ASN A 102 -8.05 8.68 12.83
N ALA A 103 -8.77 9.74 13.18
CA ALA A 103 -8.45 11.07 12.68
C ALA A 103 -7.01 11.45 13.01
N ALA A 104 -6.52 11.01 14.16
CA ALA A 104 -5.18 11.38 14.60
C ALA A 104 -4.10 10.67 13.78
N ASN A 105 -4.51 9.64 13.04
CA ASN A 105 -3.57 8.85 12.25
C ASN A 105 -3.67 9.16 10.76
N VAL A 106 -4.28 10.29 10.41
CA VAL A 106 -4.34 10.73 9.01
C VAL A 106 -3.79 12.15 8.86
N GLY A 107 -2.67 12.26 8.15
CA GLY A 107 -2.06 13.56 7.94
C GLY A 107 -2.60 14.26 6.71
N TRP A 108 -2.68 15.59 6.80
CA TRP A 108 -3.11 16.43 5.69
C TRP A 108 -2.68 17.86 6.00
N ASN A 109 -2.19 18.57 4.98
CA ASN A 109 -1.97 20.01 5.10
C ASN A 109 -1.16 20.37 6.37
N ASN A 110 -0.01 19.72 6.53
CA ASN A 110 0.92 20.06 7.61
C ASN A 110 0.52 19.60 9.00
N SER A 111 -0.62 18.92 9.10
CA SER A 111 -1.09 18.44 10.39
C SER A 111 -1.83 17.13 10.22
N THR A 112 -2.77 16.85 11.12
CA THR A 112 -3.67 15.71 10.98
C THR A 112 -5.11 16.18 11.14
N PHE A 113 -6.04 15.23 11.17
CA PHE A 113 -7.45 15.57 11.33
C PHE A 113 -7.87 15.59 12.79
N ALA A 114 -6.91 15.34 13.69
CA ALA A 114 -7.15 15.49 15.12
C ALA A 114 -6.62 16.85 15.57
N LEU A 115 -7.53 17.79 15.78
CA LEU A 115 -7.17 19.15 16.12
C LEU A 115 -7.61 19.52 17.54
N GLU A 116 -8.08 18.52 18.29
CA GLU A 116 -8.71 18.75 19.58
C GLU A 116 -7.71 18.76 20.74
N PRO B 1 -3.98 -15.65 1.73
CA PRO B 1 -3.69 -14.24 2.06
C PRO B 1 -3.40 -13.41 0.81
N MET B 2 -3.23 -12.11 1.02
CA MET B 2 -2.73 -11.21 -0.02
C MET B 2 -1.29 -10.83 0.31
N PHE B 3 -0.39 -11.08 -0.63
CA PHE B 3 1.02 -10.77 -0.41
C PHE B 3 1.55 -9.82 -1.47
N ILE B 4 2.13 -8.70 -1.03
CA ILE B 4 2.68 -7.70 -1.95
C ILE B 4 4.16 -7.52 -1.71
N VAL B 5 4.95 -7.51 -2.78
CA VAL B 5 6.39 -7.23 -2.68
C VAL B 5 6.76 -6.02 -3.53
N ASN B 6 7.33 -5.02 -2.89
CA ASN B 6 7.90 -3.88 -3.62
C ASN B 6 9.41 -3.95 -3.48
N THR B 7 10.12 -3.84 -4.59
CA THR B 7 11.57 -4.03 -4.60
C THR B 7 12.26 -3.19 -5.66
N ASN B 8 13.52 -2.82 -5.41
CA ASN B 8 14.29 -2.09 -6.39
C ASN B 8 15.02 -3.02 -7.36
N VAL B 9 14.85 -4.33 -7.18
CA VAL B 9 15.40 -5.30 -8.12
C VAL B 9 14.76 -5.14 -9.50
N PRO B 10 15.57 -5.27 -10.57
CA PRO B 10 15.06 -5.12 -11.94
C PRO B 10 14.00 -6.15 -12.31
N ARG B 11 13.10 -5.78 -13.21
CA ARG B 11 12.05 -6.68 -13.66
C ARG B 11 12.62 -7.96 -14.25
N ALA B 12 13.72 -7.84 -14.99
CA ALA B 12 14.31 -8.99 -15.65
C ALA B 12 14.84 -10.02 -14.64
N SER B 13 15.14 -9.57 -13.43
CA SER B 13 15.68 -10.44 -12.39
C SER B 13 14.60 -11.20 -11.63
N VAL B 14 13.33 -10.91 -11.95
CA VAL B 14 12.22 -11.66 -11.37
C VAL B 14 11.98 -12.89 -12.22
N PRO B 15 12.30 -14.08 -11.68
CA PRO B 15 12.22 -15.31 -12.50
C PRO B 15 10.80 -15.64 -12.94
N ASP B 16 10.69 -16.26 -14.10
CA ASP B 16 9.40 -16.80 -14.54
C ASP B 16 8.93 -17.78 -13.49
N GLY B 17 7.65 -17.72 -13.15
CA GLY B 17 7.10 -18.68 -12.21
C GLY B 17 7.19 -18.21 -10.76
N PHE B 18 7.72 -17.01 -10.55
CA PHE B 18 7.87 -16.48 -9.20
C PHE B 18 6.50 -16.30 -8.54
N LEU B 19 5.55 -15.74 -9.27
CA LEU B 19 4.21 -15.53 -8.72
C LEU B 19 3.57 -16.87 -8.37
N SER B 20 3.75 -17.85 -9.24
CA SER B 20 3.21 -19.18 -8.99
C SER B 20 3.85 -19.81 -7.75
N GLU B 21 5.16 -19.67 -7.61
CA GLU B 21 5.85 -20.23 -6.46
C GLU B 21 5.37 -19.57 -5.17
N LEU B 22 5.23 -18.24 -5.19
CA LEU B 22 4.71 -17.52 -4.03
C LEU B 22 3.32 -18.04 -3.68
N THR B 23 2.48 -18.19 -4.69
CA THR B 23 1.10 -18.65 -4.46
C THR B 23 1.13 -20.03 -3.82
N GLN B 24 1.96 -20.92 -4.33
CA GLN B 24 2.05 -22.28 -3.84
C GLN B 24 2.60 -22.36 -2.41
N GLN B 25 3.69 -21.62 -2.15
CA GLN B 25 4.31 -21.65 -0.83
C GLN B 25 3.44 -21.03 0.25
N LEU B 26 2.72 -19.97 -0.12
CA LEU B 26 1.81 -19.33 0.82
C LEU B 26 0.61 -20.24 1.13
N ALA B 27 0.09 -20.89 0.10
CA ALA B 27 -1.02 -21.82 0.30
C ALA B 27 -0.60 -22.89 1.31
N GLN B 28 0.56 -23.49 1.06
CA GLN B 28 1.08 -24.55 1.92
C GLN B 28 1.38 -24.04 3.33
N ALA B 29 1.93 -22.83 3.42
CA ALA B 29 2.32 -22.26 4.70
C ALA B 29 1.11 -21.93 5.58
N THR B 30 -0.01 -21.60 4.94
CA THR B 30 -1.18 -21.15 5.68
C THR B 30 -2.27 -22.22 5.72
N GLY B 31 -2.05 -23.32 5.00
CA GLY B 31 -3.03 -24.39 4.97
C GLY B 31 -4.33 -23.94 4.32
N LYS B 32 -4.22 -23.18 3.24
CA LYS B 32 -5.39 -22.64 2.55
C LYS B 32 -5.37 -22.97 1.07
N PRO B 33 -6.56 -23.06 0.44
CA PRO B 33 -6.65 -23.31 -1.00
C PRO B 33 -5.99 -22.17 -1.77
N PRO B 34 -5.22 -22.51 -2.82
CA PRO B 34 -4.53 -21.49 -3.61
C PRO B 34 -5.49 -20.53 -4.29
N GLN B 35 -6.75 -20.93 -4.45
CA GLN B 35 -7.75 -20.08 -5.09
C GLN B 35 -7.96 -18.77 -4.32
N TYR B 36 -7.62 -18.77 -3.03
CA TYR B 36 -7.78 -17.58 -2.19
C TYR B 36 -6.59 -16.64 -2.26
N ILE B 37 -5.47 -17.10 -2.81
CA ILE B 37 -4.19 -16.41 -2.66
C ILE B 37 -3.99 -15.38 -3.76
N ALA B 38 -3.69 -14.14 -3.37
CA ALA B 38 -3.34 -13.11 -4.34
C ALA B 38 -1.90 -12.67 -4.11
N VAL B 39 -1.13 -12.53 -5.19
CA VAL B 39 0.26 -12.13 -5.09
CA VAL B 39 0.26 -12.12 -5.08
C VAL B 39 0.57 -11.01 -6.07
N HIS B 40 1.47 -10.11 -5.66
CA HIS B 40 1.73 -8.90 -6.40
C HIS B 40 3.18 -8.49 -6.20
N VAL B 41 3.92 -8.45 -7.29
CA VAL B 41 5.34 -8.09 -7.23
C VAL B 41 5.59 -6.84 -8.04
N VAL B 42 6.27 -5.87 -7.44
CA VAL B 42 6.53 -4.59 -8.08
C VAL B 42 8.03 -4.30 -8.09
N PRO B 43 8.69 -4.59 -9.22
CA PRO B 43 10.14 -4.39 -9.42
C PRO B 43 10.51 -2.97 -9.81
N ASP B 44 11.80 -2.72 -9.94
CA ASP B 44 12.30 -1.46 -10.51
C ASP B 44 11.90 -0.24 -9.67
N GLN B 45 11.68 -0.42 -8.38
CA GLN B 45 11.23 0.68 -7.54
C GLN B 45 12.38 1.57 -7.04
N LEU B 46 12.07 2.84 -6.85
CA LEU B 46 13.01 3.80 -6.29
C LEU B 46 12.89 3.78 -4.77
N MET B 47 13.79 3.05 -4.12
CA MET B 47 13.72 2.92 -2.68
C MET B 47 15.09 2.80 -2.04
N ALA B 48 15.13 3.04 -0.73
CA ALA B 48 16.36 2.93 0.04
C ALA B 48 16.06 2.22 1.36
N PHE B 49 17.03 1.46 1.82
CA PHE B 49 16.93 0.76 3.10
C PHE B 49 18.21 1.08 3.86
N GLY B 50 18.07 1.71 5.03
CA GLY B 50 19.23 2.14 5.78
C GLY B 50 20.07 3.16 5.04
N GLY B 51 19.45 3.90 4.13
CA GLY B 51 20.18 4.93 3.39
C GLY B 51 20.89 4.40 2.15
N SER B 52 20.73 3.12 1.89
CA SER B 52 21.44 2.45 0.79
C SER B 52 20.47 1.90 -0.26
N SER B 53 20.90 1.86 -1.51
CA SER B 53 20.05 1.39 -2.60
C SER B 53 20.44 0.01 -3.12
N GLU B 54 21.19 -0.75 -2.32
CA GLU B 54 21.39 -2.15 -2.63
C GLU B 54 20.05 -2.87 -2.59
N PRO B 55 19.95 -4.07 -3.18
CA PRO B 55 18.65 -4.74 -3.28
C PRO B 55 17.93 -4.79 -1.94
N CYS B 56 16.65 -4.44 -1.95
CA CYS B 56 15.84 -4.53 -0.75
C CYS B 56 14.40 -4.81 -1.13
N ALA B 57 13.57 -5.09 -0.14
CA ALA B 57 12.15 -5.32 -0.38
C ALA B 57 11.30 -4.79 0.76
N LEU B 58 10.20 -4.13 0.43
CA LEU B 58 9.19 -3.76 1.41
C LEU B 58 7.90 -4.52 1.06
N CYS B 59 7.40 -5.30 2.01
CA CYS B 59 6.32 -6.24 1.72
C CYS B 59 5.15 -6.09 2.70
N SER B 60 4.00 -6.62 2.31
CA SER B 60 2.89 -6.76 3.24
C SER B 60 2.20 -8.09 3.04
N LEU B 61 1.71 -8.67 4.13
CA LEU B 61 0.92 -9.88 4.07
C LEU B 61 -0.38 -9.62 4.83
N HIS B 62 -1.50 -9.69 4.12
CA HIS B 62 -2.82 -9.52 4.72
C HIS B 62 -3.50 -10.88 4.80
N SER B 63 -4.08 -11.19 5.95
CA SER B 63 -4.85 -12.43 6.08
C SER B 63 -5.95 -12.26 7.10
N ILE B 64 -7.08 -12.93 6.85
CA ILE B 64 -8.16 -12.96 7.82
C ILE B 64 -7.86 -14.09 8.79
N GLY B 65 -7.22 -13.74 9.91
CA GLY B 65 -6.72 -14.77 10.81
C GLY B 65 -5.41 -15.35 10.32
N LYS B 66 -4.88 -16.32 11.06
CA LYS B 66 -3.62 -16.96 10.70
C LYS B 66 -2.48 -15.95 10.77
N ILE B 67 -2.68 -14.90 11.55
CA ILE B 67 -1.63 -13.92 11.83
C ILE B 67 -1.36 -13.93 13.33
N GLY B 68 -0.08 -13.96 13.70
CA GLY B 68 0.27 -14.01 15.11
C GLY B 68 1.77 -14.15 15.34
N GLY B 69 2.16 -14.13 16.60
CA GLY B 69 3.58 -14.15 16.93
C GLY B 69 4.36 -15.23 16.22
N ALA B 70 4.07 -16.49 16.53
CA ALA B 70 4.83 -17.61 16.00
C ALA B 70 4.60 -17.79 14.50
N GLN B 71 3.37 -17.58 14.07
CA GLN B 71 3.05 -17.73 12.65
C GLN B 71 3.81 -16.72 11.81
N ASN B 72 3.83 -15.47 12.27
CA ASN B 72 4.52 -14.40 11.55
C ASN B 72 6.03 -14.64 11.46
N ARG B 73 6.62 -15.21 12.51
CA ARG B 73 8.04 -15.56 12.44
C ARG B 73 8.27 -16.63 11.38
N SER B 74 7.36 -17.59 11.30
CA SER B 74 7.47 -18.64 10.29
C SER B 74 7.29 -18.07 8.88
N TYR B 75 6.34 -17.15 8.73
CA TYR B 75 6.13 -16.50 7.43
C TYR B 75 7.37 -15.71 7.02
N SER B 76 7.99 -15.04 7.99
CA SER B 76 9.15 -14.21 7.69
C SER B 76 10.32 -15.06 7.22
N LYS B 77 10.50 -16.21 7.85
CA LYS B 77 11.59 -17.11 7.48
C LYS B 77 11.37 -17.61 6.06
N LEU B 78 10.11 -17.97 5.76
CA LEU B 78 9.74 -18.47 4.45
C LEU B 78 9.93 -17.41 3.37
N LEU B 79 9.38 -16.23 3.61
CA LEU B 79 9.36 -15.19 2.59
C LEU B 79 10.73 -14.56 2.38
N CYS B 80 11.48 -14.31 3.45
CA CYS B 80 12.85 -13.85 3.31
C CYS B 80 13.68 -14.90 2.58
N GLY B 81 13.37 -16.17 2.83
CA GLY B 81 14.06 -17.25 2.15
C GLY B 81 13.86 -17.18 0.66
N LEU B 82 12.61 -17.02 0.24
CA LEU B 82 12.28 -16.95 -1.18
C LEU B 82 12.88 -15.72 -1.85
N LEU B 83 12.86 -14.58 -1.15
CA LEU B 83 13.37 -13.34 -1.72
C LEU B 83 14.88 -13.41 -1.87
N ALA B 84 15.55 -14.03 -0.91
CA ALA B 84 17.00 -14.20 -0.96
C ALA B 84 17.39 -15.14 -2.10
N GLU B 85 16.68 -16.26 -2.22
CA GLU B 85 17.03 -17.27 -3.20
C GLU B 85 16.67 -16.84 -4.63
N ARG B 86 15.47 -16.26 -4.79
CA ARG B 86 14.97 -15.94 -6.12
C ARG B 86 15.35 -14.54 -6.60
N LEU B 87 15.36 -13.56 -5.69
CA LEU B 87 15.63 -12.18 -6.08
C LEU B 87 16.99 -11.69 -5.60
N ARG B 88 17.70 -12.54 -4.87
CA ARG B 88 19.02 -12.21 -4.35
C ARG B 88 19.00 -11.02 -3.41
N ILE B 89 17.91 -10.88 -2.66
CA ILE B 89 17.80 -9.83 -1.65
C ILE B 89 18.17 -10.37 -0.27
N SER B 90 19.05 -9.65 0.41
CA SER B 90 19.48 -10.05 1.76
C SER B 90 18.32 -9.91 2.74
N PRO B 91 18.11 -10.93 3.59
CA PRO B 91 17.02 -10.90 4.57
C PRO B 91 17.04 -9.69 5.51
N ASP B 92 18.22 -9.15 5.79
CA ASP B 92 18.27 -7.98 6.66
C ASP B 92 18.00 -6.68 5.91
N ARG B 93 17.57 -6.79 4.65
CA ARG B 93 17.08 -5.64 3.89
C ARG B 93 15.65 -5.88 3.41
N VAL B 94 14.91 -6.67 4.18
CA VAL B 94 13.50 -6.92 3.89
C VAL B 94 12.65 -6.50 5.09
N TYR B 95 11.60 -5.72 4.83
CA TYR B 95 10.57 -5.50 5.83
C TYR B 95 9.25 -6.10 5.34
N ILE B 96 8.55 -6.80 6.23
CA ILE B 96 7.23 -7.33 5.93
C ILE B 96 6.22 -6.84 6.96
N ASN B 97 5.20 -6.12 6.50
CA ASN B 97 4.13 -5.69 7.39
C ASN B 97 3.00 -6.71 7.38
N TYR B 98 2.69 -7.24 8.56
CA TYR B 98 1.61 -8.23 8.68
C TYR B 98 0.32 -7.59 9.17
N TYR B 99 -0.79 -7.94 8.53
CA TYR B 99 -2.09 -7.41 8.91
C TYR B 99 -3.10 -8.53 9.13
N ASP B 100 -3.69 -8.56 10.32
CA ASP B 100 -4.78 -9.48 10.60
C ASP B 100 -6.08 -8.74 10.31
N MET B 101 -6.71 -9.09 9.19
CA MET B 101 -7.91 -8.40 8.74
C MET B 101 -9.18 -9.05 9.29
N ASN B 102 -10.18 -8.23 9.61
CA ASN B 102 -11.51 -8.73 9.95
C ASN B 102 -12.27 -9.04 8.66
N ALA B 103 -13.00 -10.14 8.65
CA ALA B 103 -13.70 -10.58 7.44
C ALA B 103 -14.60 -9.48 6.89
N ALA B 104 -15.12 -8.63 7.78
CA ALA B 104 -16.05 -7.57 7.37
C ALA B 104 -15.32 -6.44 6.64
N ASN B 105 -14.00 -6.40 6.77
CA ASN B 105 -13.19 -5.35 6.18
C ASN B 105 -12.43 -5.86 4.96
N VAL B 106 -12.86 -6.99 4.41
CA VAL B 106 -12.26 -7.49 3.18
C VAL B 106 -13.33 -7.71 2.11
N GLY B 107 -13.24 -6.93 1.03
CA GLY B 107 -14.21 -7.04 -0.04
C GLY B 107 -13.82 -8.07 -1.08
N TRP B 108 -14.82 -8.75 -1.63
CA TRP B 108 -14.61 -9.73 -2.69
C TRP B 108 -15.96 -10.03 -3.34
N ASN B 109 -15.96 -10.18 -4.66
CA ASN B 109 -17.14 -10.64 -5.38
C ASN B 109 -18.39 -9.84 -4.99
N ASN B 110 -18.32 -8.52 -5.10
CA ASN B 110 -19.47 -7.64 -4.88
C ASN B 110 -19.92 -7.53 -3.42
N SER B 111 -19.23 -8.21 -2.52
CA SER B 111 -19.59 -8.17 -1.11
C SER B 111 -18.35 -8.19 -0.23
N THR B 112 -18.49 -8.70 0.99
CA THR B 112 -17.32 -8.95 1.84
C THR B 112 -17.37 -10.39 2.34
N PHE B 113 -16.39 -10.77 3.15
CA PHE B 113 -16.37 -12.11 3.72
C PHE B 113 -17.21 -12.20 4.98
N ALA B 114 -17.85 -11.10 5.36
CA ALA B 114 -18.80 -11.10 6.45
C ALA B 114 -20.20 -11.25 5.87
N LEU B 115 -20.77 -12.44 6.03
CA LEU B 115 -22.09 -12.72 5.46
C LEU B 115 -23.12 -12.97 6.56
N PRO C 1 11.29 4.04 10.77
CA PRO C 1 9.97 3.87 10.13
C PRO C 1 10.11 3.40 8.68
N MET C 2 8.99 2.94 8.12
CA MET C 2 8.88 2.76 6.68
C MET C 2 8.00 3.89 6.14
N PHE C 3 8.51 4.63 5.17
CA PHE C 3 7.76 5.73 4.58
C PHE C 3 7.63 5.57 3.07
N ILE C 4 6.40 5.62 2.58
CA ILE C 4 6.11 5.47 1.14
C ILE C 4 5.42 6.72 0.61
N VAL C 5 5.92 7.26 -0.51
CA VAL C 5 5.26 8.38 -1.20
CA VAL C 5 5.23 8.36 -1.18
C VAL C 5 4.87 7.98 -2.60
N ASN C 6 3.57 8.06 -2.90
CA ASN C 6 3.07 7.88 -4.26
C ASN C 6 2.62 9.25 -4.77
N THR C 7 3.06 9.64 -5.95
CA THR C 7 2.75 10.97 -6.46
C THR C 7 2.61 10.96 -7.97
N ASN C 8 1.84 11.92 -8.50
CA ASN C 8 1.68 12.05 -9.93
C ASN C 8 2.74 12.97 -10.54
N VAL C 9 3.61 13.50 -9.70
CA VAL C 9 4.73 14.31 -10.18
C VAL C 9 5.69 13.42 -10.99
N PRO C 10 6.23 13.95 -12.09
CA PRO C 10 7.13 13.19 -12.97
C PRO C 10 8.42 12.76 -12.29
N ARG C 11 8.95 11.62 -12.71
CA ARG C 11 10.20 11.09 -12.16
C ARG C 11 11.34 12.10 -12.25
N ALA C 12 11.40 12.84 -13.37
CA ALA C 12 12.46 13.81 -13.59
C ALA C 12 12.43 14.95 -12.58
N SER C 13 11.29 15.14 -11.90
CA SER C 13 11.15 16.22 -10.95
C SER C 13 11.56 15.83 -9.53
N VAL C 14 11.92 14.57 -9.34
CA VAL C 14 12.44 14.14 -8.04
C VAL C 14 13.94 14.44 -8.00
N PRO C 15 14.36 15.33 -7.08
CA PRO C 15 15.75 15.80 -7.05
C PRO C 15 16.72 14.73 -6.58
N ASP C 16 17.95 14.81 -7.07
CA ASP C 16 19.04 14.02 -6.51
C ASP C 16 19.11 14.31 -5.01
N GLY C 17 19.20 13.26 -4.21
CA GLY C 17 19.33 13.42 -2.78
C GLY C 17 18.02 13.26 -2.02
N PHE C 18 16.91 13.12 -2.74
CA PHE C 18 15.60 13.10 -2.11
C PHE C 18 15.44 11.93 -1.13
N LEU C 19 15.76 10.71 -1.57
CA LEU C 19 15.63 9.55 -0.67
C LEU C 19 16.53 9.69 0.55
N SER C 20 17.71 10.26 0.36
CA SER C 20 18.65 10.41 1.47
C SER C 20 18.17 11.46 2.45
N GLU C 21 17.56 12.53 1.94
CA GLU C 21 17.03 13.58 2.81
C GLU C 21 15.87 13.04 3.63
N LEU C 22 14.96 12.33 2.97
CA LEU C 22 13.85 11.67 3.68
C LEU C 22 14.37 10.75 4.78
N THR C 23 15.40 9.96 4.46
CA THR C 23 15.99 9.03 5.42
C THR C 23 16.53 9.78 6.64
N GLN C 24 17.28 10.86 6.41
CA GLN C 24 17.89 11.59 7.51
C GLN C 24 16.87 12.34 8.36
N GLN C 25 15.89 12.96 7.72
CA GLN C 25 14.88 13.73 8.46
C GLN C 25 13.96 12.80 9.26
N LEU C 26 13.71 11.61 8.73
CA LEU C 26 12.89 10.64 9.45
C LEU C 26 13.66 10.10 10.65
N ALA C 27 14.96 9.91 10.50
CA ALA C 27 15.79 9.49 11.63
C ALA C 27 15.75 10.54 12.73
N GLN C 28 15.87 11.80 12.33
CA GLN C 28 15.87 12.89 13.29
C GLN C 28 14.51 13.01 13.98
N ALA C 29 13.43 12.89 13.21
CA ALA C 29 12.09 13.08 13.73
C ALA C 29 11.66 11.98 14.70
N THR C 30 12.17 10.77 14.49
CA THR C 30 11.79 9.62 15.32
C THR C 30 12.89 9.25 16.31
N GLY C 31 14.09 9.78 16.10
CA GLY C 31 15.21 9.43 16.96
C GLY C 31 15.74 8.04 16.66
N LYS C 32 15.26 7.44 15.58
CA LYS C 32 15.71 6.11 15.17
C LYS C 32 16.98 6.19 14.35
N PRO C 33 17.87 5.20 14.48
CA PRO C 33 19.07 5.17 13.65
C PRO C 33 18.68 5.08 12.18
N PRO C 34 19.42 5.77 11.31
CA PRO C 34 19.10 5.74 9.87
C PRO C 34 19.17 4.34 9.28
N GLN C 35 19.91 3.44 9.94
CA GLN C 35 20.03 2.07 9.45
C GLN C 35 18.67 1.36 9.43
N TYR C 36 17.74 1.83 10.26
CA TYR C 36 16.42 1.20 10.39
C TYR C 36 15.42 1.71 9.36
N ILE C 37 15.72 2.84 8.74
CA ILE C 37 14.71 3.57 7.98
C ILE C 37 14.63 3.13 6.52
N ALA C 38 13.41 2.86 6.07
CA ALA C 38 13.18 2.48 4.68
C ALA C 38 12.30 3.53 4.01
N VAL C 39 12.69 3.95 2.80
CA VAL C 39 11.96 4.98 2.08
C VAL C 39 11.72 4.55 0.64
N HIS C 40 10.56 4.91 0.11
CA HIS C 40 10.10 4.41 -1.19
C HIS C 40 9.31 5.53 -1.85
N VAL C 41 9.74 5.95 -3.04
CA VAL C 41 9.10 7.04 -3.75
C VAL C 41 8.60 6.54 -5.11
N VAL C 42 7.33 6.79 -5.41
CA VAL C 42 6.72 6.28 -6.62
C VAL C 42 6.14 7.42 -7.45
N PRO C 43 6.91 7.91 -8.45
CA PRO C 43 6.50 9.02 -9.31
C PRO C 43 5.60 8.60 -10.46
N ASP C 44 5.14 9.59 -11.23
CA ASP C 44 4.41 9.37 -12.47
C ASP C 44 3.13 8.58 -12.31
N GLN C 45 2.49 8.68 -11.14
CA GLN C 45 1.30 7.91 -10.86
C GLN C 45 0.01 8.55 -11.41
N LEU C 46 -0.93 7.69 -11.78
CA LEU C 46 -2.24 8.12 -12.21
C LEU C 46 -3.14 8.31 -10.98
N MET C 47 -3.30 9.55 -10.56
CA MET C 47 -4.11 9.82 -9.39
C MET C 47 -4.82 11.16 -9.46
N ALA C 48 -5.81 11.32 -8.61
CA ALA C 48 -6.56 12.56 -8.52
C ALA C 48 -6.84 12.84 -7.05
N PHE C 49 -6.88 14.12 -6.72
CA PHE C 49 -7.15 14.57 -5.35
C PHE C 49 -8.21 15.66 -5.47
N GLY C 50 -9.34 15.45 -4.83
CA GLY C 50 -10.44 16.38 -4.95
C GLY C 50 -10.94 16.48 -6.38
N GLY C 51 -10.71 15.45 -7.18
CA GLY C 51 -11.17 15.44 -8.56
C GLY C 51 -10.24 16.15 -9.52
N SER C 52 -9.10 16.60 -9.00
CA SER C 52 -8.10 17.33 -9.79
C SER C 52 -6.80 16.54 -9.92
N SER C 53 -6.08 16.78 -11.02
CA SER C 53 -4.81 16.10 -11.26
C SER C 53 -3.61 17.03 -11.12
N GLU C 54 -3.78 18.14 -10.41
CA GLU C 54 -2.64 18.94 -10.00
C GLU C 54 -1.74 18.05 -9.14
N PRO C 55 -0.47 18.46 -8.94
CA PRO C 55 0.43 17.64 -8.13
C PRO C 55 -0.19 17.30 -6.78
N CYS C 56 -0.07 16.04 -6.40
CA CYS C 56 -0.59 15.57 -5.11
C CYS C 56 0.24 14.36 -4.67
N ALA C 57 0.04 13.93 -3.43
CA ALA C 57 0.76 12.77 -2.92
C ALA C 57 -0.09 11.98 -1.95
N LEU C 58 0.00 10.65 -2.06
CA LEU C 58 -0.62 9.77 -1.07
C LEU C 58 0.50 8.97 -0.41
N CYS C 59 0.59 9.05 0.91
CA CYS C 59 1.75 8.53 1.62
C CYS C 59 1.34 7.63 2.76
N SER C 60 2.27 6.81 3.22
CA SER C 60 2.06 6.05 4.45
C SER C 60 3.34 6.03 5.26
N LEU C 61 3.19 6.03 6.58
CA LEU C 61 4.32 5.92 7.48
C LEU C 61 4.00 4.84 8.51
N HIS C 62 4.82 3.80 8.53
CA HIS C 62 4.67 2.70 9.49
C HIS C 62 5.81 2.78 10.49
N SER C 63 5.49 2.61 11.77
CA SER C 63 6.51 2.56 12.80
C SER C 63 6.06 1.73 14.00
N ILE C 64 7.02 1.04 14.61
CA ILE C 64 6.77 0.37 15.88
C ILE C 64 6.87 1.41 16.99
N GLY C 65 5.71 1.93 17.41
CA GLY C 65 5.71 3.06 18.34
C GLY C 65 6.09 4.35 17.64
N LYS C 66 6.22 5.42 18.42
CA LYS C 66 6.52 6.74 17.88
C LYS C 66 5.37 7.27 17.02
N ILE C 67 4.19 6.67 17.18
CA ILE C 67 2.98 7.11 16.50
C ILE C 67 1.98 7.64 17.53
N GLY C 68 1.47 8.85 17.31
CA GLY C 68 0.51 9.42 18.25
C GLY C 68 0.04 10.80 17.83
N GLY C 69 -0.86 11.38 18.61
CA GLY C 69 -1.46 12.65 18.24
C GLY C 69 -0.45 13.72 17.88
N ALA C 70 0.39 14.07 18.84
CA ALA C 70 1.35 15.17 18.66
C ALA C 70 2.45 14.78 17.68
N GLN C 71 2.92 13.54 17.78
CA GLN C 71 4.01 13.09 16.92
C GLN C 71 3.60 13.06 15.46
N ASN C 72 2.39 12.59 15.19
CA ASN C 72 1.89 12.53 13.82
C ASN C 72 1.72 13.92 13.21
N ARG C 73 1.26 14.87 14.02
CA ARG C 73 1.15 16.24 13.54
C ARG C 73 2.52 16.79 13.19
N SER C 74 3.52 16.42 14.01
CA SER C 74 4.89 16.85 13.75
C SER C 74 5.44 16.20 12.47
N TYR C 75 5.14 14.93 12.26
CA TYR C 75 5.59 14.24 11.04
C TYR C 75 4.94 14.86 9.81
N SER C 76 3.66 15.23 9.92
CA SER C 76 2.97 15.80 8.79
C SER C 76 3.56 17.15 8.38
N LYS C 77 3.89 17.97 9.37
CA LYS C 77 4.50 19.26 9.09
C LYS C 77 5.84 19.04 8.40
N LEU C 78 6.62 18.10 8.92
CA LEU C 78 7.93 17.80 8.36
C LEU C 78 7.82 17.30 6.91
N LEU C 79 6.94 16.33 6.70
CA LEU C 79 6.88 15.65 5.41
C LEU C 79 6.20 16.49 4.34
N CYS C 80 5.12 17.17 4.71
CA CYS C 80 4.49 18.10 3.77
C CYS C 80 5.49 19.21 3.41
N GLY C 81 6.31 19.61 4.37
CA GLY C 81 7.33 20.61 4.09
C GLY C 81 8.30 20.14 3.02
N LEU C 82 8.73 18.89 3.13
CA LEU C 82 9.69 18.33 2.17
C LEU C 82 9.05 18.16 0.79
N LEU C 83 7.82 17.67 0.75
CA LEU C 83 7.13 17.44 -0.50
C LEU C 83 6.85 18.76 -1.23
N ALA C 84 6.55 19.81 -0.46
CA ALA C 84 6.29 21.13 -1.04
C ALA C 84 7.59 21.70 -1.61
N GLU C 85 8.65 21.65 -0.82
CA GLU C 85 9.93 22.24 -1.21
C GLU C 85 10.60 21.46 -2.34
N ARG C 86 10.58 20.13 -2.25
CA ARG C 86 11.34 19.30 -3.18
C ARG C 86 10.53 18.90 -4.41
N LEU C 87 9.24 18.61 -4.24
CA LEU C 87 8.41 18.13 -5.34
C LEU C 87 7.36 19.15 -5.79
N ARG C 88 7.34 20.31 -5.14
CA ARG C 88 6.39 21.37 -5.47
C ARG C 88 4.95 20.93 -5.32
N ILE C 89 4.70 20.04 -4.37
CA ILE C 89 3.34 19.61 -4.06
C ILE C 89 2.77 20.43 -2.90
N SER C 90 1.56 20.96 -3.10
CA SER C 90 0.90 21.75 -2.07
C SER C 90 0.48 20.87 -0.89
N PRO C 91 0.74 21.33 0.34
CA PRO C 91 0.42 20.51 1.51
C PRO C 91 -1.04 20.10 1.60
N ASP C 92 -1.95 20.91 1.06
CA ASP C 92 -3.36 20.55 1.13
C ASP C 92 -3.77 19.56 0.06
N ARG C 93 -2.79 19.06 -0.69
CA ARG C 93 -3.02 17.96 -1.61
C ARG C 93 -2.14 16.76 -1.24
N VAL C 94 -1.88 16.61 0.05
CA VAL C 94 -1.14 15.45 0.57
C VAL C 94 -1.99 14.72 1.62
N TYR C 95 -2.09 13.41 1.51
CA TYR C 95 -2.63 12.58 2.57
C TYR C 95 -1.54 11.62 3.03
N ILE C 96 -1.43 11.44 4.35
CA ILE C 96 -0.49 10.48 4.92
C ILE C 96 -1.24 9.55 5.89
N ASN C 97 -1.14 8.26 5.66
CA ASN C 97 -1.70 7.29 6.60
C ASN C 97 -0.63 6.84 7.59
N TYR C 98 -0.89 7.03 8.88
CA TYR C 98 0.05 6.58 9.91
C TYR C 98 -0.37 5.24 10.51
N TYR C 99 0.60 4.35 10.69
CA TYR C 99 0.33 3.04 11.28
C TYR C 99 1.27 2.74 12.43
N ASP C 100 0.70 2.49 13.60
CA ASP C 100 1.48 2.05 14.76
C ASP C 100 1.49 0.53 14.73
N MET C 101 2.62 -0.04 14.32
CA MET C 101 2.74 -1.49 14.15
C MET C 101 3.16 -2.18 15.45
N ASN C 102 2.51 -3.30 15.76
CA ASN C 102 2.97 -4.16 16.84
C ASN C 102 4.23 -4.88 16.36
N ALA C 103 5.22 -5.00 17.22
CA ALA C 103 6.52 -5.56 16.81
C ALA C 103 6.36 -6.98 16.28
N ALA C 104 5.34 -7.69 16.74
CA ALA C 104 5.09 -9.06 16.30
C ALA C 104 4.56 -9.10 14.87
N ASN C 105 4.09 -7.96 14.38
CA ASN C 105 3.52 -7.86 13.04
C ASN C 105 4.49 -7.20 12.06
N VAL C 106 5.76 -7.16 12.41
CA VAL C 106 6.77 -6.64 11.49
C VAL C 106 7.89 -7.64 11.31
N GLY C 107 8.01 -8.16 10.09
CA GLY C 107 9.06 -9.12 9.78
C GLY C 107 10.32 -8.45 9.29
N TRP C 108 11.45 -9.02 9.65
CA TRP C 108 12.77 -8.55 9.21
C TRP C 108 13.80 -9.63 9.49
N ASN C 109 14.69 -9.86 8.54
CA ASN C 109 15.83 -10.75 8.75
C ASN C 109 15.39 -12.13 9.26
N ASN C 110 14.43 -12.73 8.55
CA ASN C 110 14.00 -14.12 8.80
C ASN C 110 13.14 -14.29 10.05
N SER C 111 12.88 -13.19 10.76
CA SER C 111 12.06 -13.26 11.97
C SER C 111 11.15 -12.03 12.07
N THR C 112 10.67 -11.74 13.28
CA THR C 112 9.95 -10.49 13.54
C THR C 112 10.66 -9.73 14.65
N PHE C 113 10.15 -8.54 14.94
CA PHE C 113 10.75 -7.70 15.97
C PHE C 113 10.23 -8.00 17.38
N ALA C 114 9.31 -8.94 17.48
CA ALA C 114 8.87 -9.43 18.79
C ALA C 114 9.90 -10.44 19.32
O1 ZEC D . -5.39 9.16 3.96
C2 ZEC D . -6.71 9.22 4.28
C7 ZEC D . -7.50 10.27 3.83
C6 ZEC D . -8.84 10.33 4.17
S8 ZEC D . -10.08 11.46 3.76
C9 ZEC D . -11.27 10.60 4.63
S11 ZEC D . -12.98 11.02 4.69
N14 ZEC D . -13.46 11.10 6.25
O13 ZEC D . -13.76 9.97 3.97
O12 ZEC D . -13.16 12.35 4.03
N10 ZEC D . -10.72 9.53 5.20
C5 ZEC D . -9.43 9.35 4.96
C4 ZEC D . -8.63 8.30 5.41
C3 ZEC D . -7.27 8.23 5.07
S SO4 E . -12.50 13.67 8.53
O1 SO4 E . -13.78 14.39 8.43
O2 SO4 E . -12.78 12.23 8.67
O3 SO4 E . -11.70 13.90 7.31
O4 SO4 E . -11.76 14.15 9.70
O1 ZEC F . -7.60 -8.54 0.67
C2 ZEC F . -7.53 -9.65 1.45
C7 ZEC F . -7.77 -10.91 0.92
C6 ZEC F . -7.68 -12.03 1.73
S8 ZEC F . -7.88 -13.71 1.40
C9 ZEC F . -7.52 -14.17 3.01
S11 ZEC F . -7.38 -15.82 3.58
N14 ZEC F . -8.33 -16.03 4.89
O13 ZEC F . -5.95 -16.10 3.94
O12 ZEC F . -7.81 -16.75 2.49
N10 ZEC F . -7.28 -13.08 3.74
C5 ZEC F . -7.35 -11.92 3.09
C4 ZEC F . -7.12 -10.64 3.60
C3 ZEC F . -7.20 -9.52 2.80
S SO4 G . -11.85 -16.00 4.85
O1 SO4 G . -13.15 -15.40 5.19
O2 SO4 G . -11.58 -15.79 3.42
O3 SO4 G . -10.79 -15.37 5.65
O4 SO4 G . -11.88 -17.44 5.14
O1 ZEC H . 7.81 -2.54 8.06
C2 ZEC H . 8.11 -1.80 9.16
C7 ZEC H . 9.43 -1.42 9.41
C6 ZEC H . 9.73 -0.65 10.52
S8 ZEC H . 11.22 -0.02 11.10
C9 ZEC H . 10.49 0.74 12.44
S11 ZEC H . 11.33 1.75 13.61
N14 ZEC H . 10.96 1.25 15.11
O13 ZEC H . 10.91 3.18 13.43
O12 ZEC H . 12.81 1.63 13.37
N10 ZEC H . 9.18 0.52 12.42
C5 ZEC H . 8.74 -0.23 11.40
C4 ZEC H . 7.42 -0.62 11.14
C3 ZEC H . 7.11 -1.39 10.03
S SO4 I . 13.02 -1.64 15.82
O1 SO4 I . 12.59 -1.59 14.42
O2 SO4 I . 14.32 -2.33 15.91
O3 SO4 I . 13.15 -0.26 16.35
O4 SO4 I . 12.03 -2.39 16.63
#